data_9BJM
#
_entry.id   9BJM
#
_cell.length_a   170.018
_cell.length_b   170.018
_cell.length_c   170.018
_cell.angle_alpha   90.00
_cell.angle_beta   90.00
_cell.angle_gamma   90.00
#
_symmetry.space_group_name_H-M   'P 41 3 2'
#
loop_
_entity.id
_entity.type
_entity.pdbx_description
1 polymer 'Prefusion RSV F (DS-CAV1),Envelope glycoprotein'
2 non-polymer "1'-{[5-chloro-1-(4,4,4-trifluorobutyl)-1H-1,3-benzimidazol-2-yl]methyl}-1-(methanesulfonyl)spiro[azetidine-3,3'-indol]-2'(1'H)-one"
3 water water
#
_entity_poly.entity_id   1
_entity_poly.type   'polypeptide(L)'
_entity_poly.pdbx_seq_one_letter_code
;MELLILKANAITTILTAVTFCFASGQNITEEFYQSTCSAVSKGYLSALRTGWYTSVITIELSNIKENKCNGTDAKVKLIK
QELDKYKNAVTELQLLMQSTPATNNRARRELPRFMNYTLNNAKKTNVTLSKKRKRRFLGFLLGVGSAIASGVAVCKVLHL
EGEVNKIKSALLSTNKAVVSLSNGVSVLTFKVLDLKNYIDKQLLPILNKQSCSISNIETVIEFQQKNNRLLEITREFSVN
AGVTTPVSTYMLTNSELLSLINDMPITNDQKKLMSNNVQIVRQQSYSIMCIIKEEVLAYVVQLPLYGVIDTPCWKLHTSP
LCTTNTKEGSNICLTRTDRGWYCDNAGSVSFFPQAETCKVQSNRVFCDTMNSLTLPSEVNLCNVDIFNPKYDCKIMTSKT
DVSSSVITSLGAIVSCYGKTKCTASNKNRGIIKTFSNGCDYVSNKGVDTVSVGNTLYYVNKQEGKSLYVKGEPIINFYDP
LVFPSDEFDASISQVNEKINQSLAFIRKSDELLSAIGGYIPEAPRDGQAYVRKDGEWVLLSTFLGGLVPRGSHHHHHHSA
WSHPQFEK
;
_entity_poly.pdbx_strand_id   A
#
loop_
_chem_comp.id
_chem_comp.type
_chem_comp.name
_chem_comp.formula
A1APZ non-polymer 1'-{[5-chloro-1-(4,4,4-trifluorobutyl)-1H-1,3-benzimidazol-2-yl]methyl}-1-(methanesulfonyl)spiro[azetidine-3,3'-indol]-2'(1'H)-one 'C23 H22 Cl F3 N4 O3 S'
#
# COMPACT_ATOMS: atom_id res chain seq x y z
N ASN A 27 17.89 -6.05 -11.74
CA ASN A 27 17.53 -6.45 -13.08
C ASN A 27 16.05 -6.88 -13.14
N ILE A 28 15.21 -6.00 -13.67
CA ILE A 28 13.79 -6.33 -13.86
C ILE A 28 13.65 -7.07 -15.18
N THR A 29 12.91 -8.17 -15.15
CA THR A 29 12.62 -8.92 -16.36
C THR A 29 11.12 -9.17 -16.38
N GLU A 30 10.61 -9.56 -17.54
CA GLU A 30 9.17 -9.77 -17.67
C GLU A 30 8.90 -10.86 -18.70
N GLU A 31 7.88 -11.67 -18.46
CA GLU A 31 7.46 -12.69 -19.41
C GLU A 31 6.00 -12.51 -19.71
N PHE A 32 5.61 -12.54 -20.98
CA PHE A 32 4.21 -12.49 -21.40
C PHE A 32 3.79 -13.89 -21.83
N TYR A 33 2.67 -14.37 -21.28
CA TYR A 33 2.12 -15.70 -21.58
C TYR A 33 0.96 -15.50 -22.55
N GLN A 34 1.24 -15.72 -23.85
CA GLN A 34 0.20 -15.60 -24.84
C GLN A 34 -0.97 -16.55 -24.56
N SER A 35 -0.70 -17.72 -23.96
CA SER A 35 -1.76 -18.70 -23.78
C SER A 35 -2.82 -18.22 -22.78
N THR A 36 -2.45 -17.35 -21.83
CA THR A 36 -3.38 -16.99 -20.77
C THR A 36 -3.58 -15.48 -20.63
N CYS A 37 -3.07 -14.71 -21.58
CA CYS A 37 -3.25 -13.25 -21.58
C CYS A 37 -2.77 -12.64 -20.25
N SER A 38 -1.54 -12.98 -19.87
CA SER A 38 -1.02 -12.52 -18.58
C SER A 38 0.49 -12.34 -18.71
N ALA A 39 1.08 -11.63 -17.76
CA ALA A 39 2.51 -11.34 -17.76
C ALA A 39 2.99 -11.25 -16.33
N VAL A 40 4.22 -11.69 -16.10
CA VAL A 40 4.85 -11.66 -14.77
C VAL A 40 6.11 -10.81 -14.86
N SER A 41 6.20 -9.81 -13.99
CA SER A 41 7.39 -8.96 -13.87
C SER A 41 8.19 -9.41 -12.65
N LYS A 42 9.46 -9.74 -12.84
CA LYS A 42 10.29 -10.35 -11.80
C LYS A 42 11.51 -9.47 -11.55
N GLY A 43 12.24 -9.79 -10.48
CA GLY A 43 13.48 -9.11 -10.15
C GLY A 43 13.35 -8.13 -9.01
N TYR A 44 12.17 -8.00 -8.40
CA TYR A 44 11.93 -7.08 -7.30
C TYR A 44 12.29 -7.72 -5.95
N LEU A 45 12.52 -6.87 -4.94
CA LEU A 45 12.87 -7.30 -3.59
C LEU A 45 11.87 -6.76 -2.57
N SER A 46 11.48 -7.59 -1.63
CA SER A 46 10.42 -7.25 -0.67
C SER A 46 10.89 -6.27 0.42
N ALA A 47 9.92 -5.47 0.90
CA ALA A 47 10.01 -4.79 2.21
C ALA A 47 8.57 -4.77 2.74
N LEU A 48 8.20 -5.82 3.46
CA LEU A 48 6.80 -6.02 3.84
C LEU A 48 6.59 -5.45 5.22
N ARG A 49 5.55 -4.63 5.37
CA ARG A 49 5.15 -4.27 6.73
C ARG A 49 4.46 -5.46 7.39
N THR A 50 5.07 -5.98 8.45
CA THR A 50 4.58 -7.14 9.16
C THR A 50 4.16 -6.83 10.59
N GLY A 51 4.63 -5.72 11.15
CA GLY A 51 4.30 -5.34 12.51
C GLY A 51 4.28 -3.85 12.69
N TRP A 52 4.21 -3.42 13.93
CA TRP A 52 4.08 -2.01 14.28
C TRP A 52 5.00 -1.72 15.45
N TYR A 53 5.67 -0.57 15.40
CA TYR A 53 6.47 -0.09 16.51
C TYR A 53 5.83 1.19 17.01
N THR A 54 5.58 1.30 18.32
CA THR A 54 4.88 2.45 18.87
C THR A 54 5.86 3.32 19.65
N SER A 55 5.91 4.60 19.30
CA SER A 55 6.72 5.58 19.99
C SER A 55 5.80 6.66 20.54
N VAL A 56 6.26 7.36 21.58
CA VAL A 56 5.48 8.41 22.22
C VAL A 56 6.20 9.73 21.99
N ILE A 57 5.52 10.67 21.34
CA ILE A 57 6.06 11.98 21.01
C ILE A 57 5.42 13.00 21.94
N THR A 58 6.24 13.79 22.65
CA THR A 58 5.71 14.75 23.59
C THR A 58 6.10 16.18 23.22
N ILE A 59 5.23 17.09 23.64
CA ILE A 59 5.49 18.52 23.58
C ILE A 59 5.21 19.05 24.98
N GLU A 60 6.20 19.69 25.58
CA GLU A 60 6.02 20.24 26.92
C GLU A 60 5.34 21.60 26.82
N LEU A 61 4.31 21.80 27.64
CA LEU A 61 3.47 22.99 27.53
C LEU A 61 3.57 23.81 28.81
N SER A 62 3.25 25.09 28.69
CA SER A 62 3.19 25.98 29.84
C SER A 62 1.72 26.22 30.15
N ASN A 63 1.34 25.97 31.40
CA ASN A 63 -0.04 26.18 31.85
C ASN A 63 -0.14 27.57 32.46
N ILE A 64 -0.77 28.48 31.74
CA ILE A 64 -0.95 29.85 32.22
C ILE A 64 -2.42 30.25 32.18
N ALA A 74 1.06 47.90 20.33
CA ALA A 74 1.18 47.25 19.02
C ALA A 74 1.90 45.91 19.17
N LYS A 75 3.11 45.94 19.74
CA LYS A 75 3.83 44.70 20.00
C LYS A 75 3.16 43.90 21.11
N VAL A 76 2.64 44.59 22.13
CA VAL A 76 1.83 43.92 23.14
C VAL A 76 0.60 43.28 22.49
N LYS A 77 -0.03 43.99 21.56
CA LYS A 77 -1.22 43.46 20.92
C LYS A 77 -0.88 42.28 20.02
N LEU A 78 0.31 42.29 19.40
CA LEU A 78 0.73 41.16 18.57
C LEU A 78 1.05 39.94 19.43
N ILE A 79 1.78 40.15 20.52
CA ILE A 79 2.14 39.03 21.39
C ILE A 79 0.90 38.48 22.10
N LYS A 80 -0.08 39.33 22.38
CA LYS A 80 -1.30 38.87 23.05
C LYS A 80 -2.05 37.86 22.19
N GLN A 81 -2.30 38.19 20.92
CA GLN A 81 -3.08 37.28 20.09
C GLN A 81 -2.29 36.04 19.70
N GLU A 82 -0.96 36.11 19.69
CA GLU A 82 -0.17 34.91 19.52
C GLU A 82 -0.33 33.99 20.74
N LEU A 83 -0.43 34.57 21.94
CA LEU A 83 -0.71 33.75 23.12
C LEU A 83 -2.13 33.19 23.09
N ASP A 84 -3.09 33.94 22.53
CA ASP A 84 -4.44 33.40 22.35
C ASP A 84 -4.42 32.18 21.44
N LYS A 85 -3.63 32.22 20.36
CA LYS A 85 -3.52 31.05 19.50
C LYS A 85 -2.97 29.86 20.28
N TYR A 86 -1.91 30.09 21.06
CA TYR A 86 -1.37 29.02 21.90
C TYR A 86 -2.45 28.44 22.81
N LYS A 87 -3.16 29.32 23.54
CA LYS A 87 -4.17 28.86 24.50
C LYS A 87 -5.32 28.16 23.78
N ASN A 88 -5.77 28.68 22.64
CA ASN A 88 -6.84 28.03 21.91
C ASN A 88 -6.41 26.66 21.40
N ALA A 89 -5.18 26.55 20.94
CA ALA A 89 -4.71 25.25 20.46
C ALA A 89 -4.74 24.21 21.59
N VAL A 90 -4.31 24.60 22.79
CA VAL A 90 -4.27 23.66 23.90
C VAL A 90 -5.68 23.18 24.26
N THR A 91 -6.62 24.11 24.47
CA THR A 91 -7.97 23.67 24.81
C THR A 91 -8.61 22.90 23.66
N GLU A 92 -8.24 23.23 22.42
CA GLU A 92 -8.68 22.48 21.26
C GLU A 92 -8.32 21.00 21.37
N LEU A 93 -7.05 20.70 21.64
CA LEU A 93 -6.64 19.31 21.80
C LEU A 93 -7.29 18.66 23.01
N GLN A 94 -7.53 19.42 24.08
CA GLN A 94 -8.24 18.85 25.23
C GLN A 94 -9.65 18.46 24.87
N LEU A 95 -10.34 19.29 24.08
CA LEU A 95 -11.65 18.89 23.57
C LEU A 95 -11.55 17.64 22.71
N LEU A 96 -10.47 17.54 21.92
CA LEU A 96 -10.26 16.38 21.06
C LEU A 96 -10.01 15.11 21.87
N MET A 97 -9.21 15.21 22.93
CA MET A 97 -8.93 14.07 23.81
C MET A 97 -10.19 13.56 24.48
N GLN A 98 -11.13 14.45 24.79
CA GLN A 98 -12.38 14.07 25.46
C GLN A 98 -13.36 13.42 24.48
N PHE A 137 -8.81 -8.16 -8.55
CA PHE A 137 -10.15 -8.77 -8.51
C PHE A 137 -10.46 -9.42 -7.14
N LEU A 138 -9.45 -9.94 -6.45
CA LEU A 138 -9.68 -10.84 -5.33
C LEU A 138 -9.60 -10.15 -3.96
N GLY A 139 -9.70 -8.82 -3.94
CA GLY A 139 -9.69 -8.10 -2.67
C GLY A 139 -10.77 -8.56 -1.69
N PHE A 140 -11.90 -9.04 -2.19
CA PHE A 140 -13.00 -9.44 -1.31
C PHE A 140 -12.65 -10.65 -0.45
N LEU A 141 -11.56 -11.36 -0.76
CA LEU A 141 -11.15 -12.54 -0.01
C LEU A 141 -10.33 -12.18 1.22
N LEU A 142 -9.92 -10.93 1.36
CA LEU A 142 -9.06 -10.51 2.47
C LEU A 142 -9.84 -10.44 3.78
N GLY A 143 -9.11 -10.65 4.87
CA GLY A 143 -9.64 -10.43 6.21
C GLY A 143 -9.75 -8.94 6.51
N VAL A 144 -10.08 -8.63 7.77
CA VAL A 144 -10.36 -7.26 8.21
C VAL A 144 -9.56 -7.01 9.49
N GLY A 145 -8.60 -6.07 9.43
CA GLY A 145 -7.81 -5.72 10.58
C GLY A 145 -8.28 -4.44 11.24
N SER A 146 -7.58 -4.06 12.31
CA SER A 146 -7.85 -2.80 13.02
C SER A 146 -6.50 -2.08 13.09
N ALA A 147 -6.22 -1.24 12.09
CA ALA A 147 -4.83 -0.86 11.82
C ALA A 147 -4.19 -0.10 12.98
N ILE A 148 -4.95 0.66 13.77
CA ILE A 148 -4.33 1.40 14.89
C ILE A 148 -4.61 0.75 16.23
N ALA A 149 -4.97 -0.55 16.25
CA ALA A 149 -5.19 -1.20 17.53
C ALA A 149 -3.94 -1.13 18.43
N SER A 150 -2.75 -1.28 17.85
CA SER A 150 -1.55 -1.29 18.69
C SER A 150 -1.29 0.07 19.32
N GLY A 151 -1.31 1.14 18.51
CA GLY A 151 -1.07 2.46 19.06
C GLY A 151 -2.15 2.90 20.04
N VAL A 152 -3.42 2.64 19.70
CA VAL A 152 -4.52 2.96 20.62
C VAL A 152 -4.33 2.22 21.94
N ALA A 153 -3.85 0.97 21.87
CA ALA A 153 -3.58 0.23 23.11
C ALA A 153 -2.53 0.94 23.95
N VAL A 154 -1.47 1.45 23.31
CA VAL A 154 -0.44 2.17 24.06
C VAL A 154 -1.01 3.45 24.64
N CYS A 155 -1.81 4.16 23.84
CA CYS A 155 -2.41 5.41 24.32
C CYS A 155 -3.27 5.18 25.56
N LYS A 156 -4.07 4.12 25.58
CA LYS A 156 -4.85 3.82 26.78
C LYS A 156 -3.94 3.65 27.99
N VAL A 157 -2.76 3.04 27.81
CA VAL A 157 -1.82 2.90 28.93
C VAL A 157 -1.37 4.25 29.46
N LEU A 158 -1.20 5.25 28.59
CA LEU A 158 -0.70 6.56 29.01
C LEU A 158 -1.69 7.30 29.93
N HIS A 159 -2.98 6.93 29.89
CA HIS A 159 -3.99 7.59 30.72
C HIS A 159 -3.99 7.08 32.15
N LEU A 160 -3.24 6.01 32.43
CA LEU A 160 -3.16 5.47 33.78
C LEU A 160 -2.33 6.36 34.69
N GLU A 161 -2.71 6.36 35.97
CA GLU A 161 -2.09 7.25 36.96
C GLU A 161 -0.57 7.14 36.94
N GLY A 162 0.10 8.30 36.99
CA GLY A 162 1.54 8.36 37.01
C GLY A 162 2.24 8.00 35.70
N GLU A 163 1.54 7.43 34.72
CA GLU A 163 2.23 7.01 33.50
C GLU A 163 2.81 8.21 32.75
N VAL A 164 2.12 9.35 32.77
CA VAL A 164 2.66 10.54 32.13
C VAL A 164 3.82 11.10 32.93
N ASN A 165 3.71 11.10 34.26
CA ASN A 165 4.81 11.62 35.08
C ASN A 165 6.08 10.78 34.92
N LYS A 166 5.94 9.47 34.70
CA LYS A 166 7.09 8.63 34.41
C LYS A 166 7.79 9.06 33.13
N ILE A 167 7.03 9.44 32.10
CA ILE A 167 7.64 9.93 30.86
C ILE A 167 8.24 11.31 31.06
N LYS A 168 7.52 12.19 31.78
CA LYS A 168 8.02 13.54 32.00
C LYS A 168 9.30 13.55 32.80
N SER A 169 9.50 12.55 33.68
CA SER A 169 10.73 12.51 34.45
C SER A 169 11.89 11.99 33.61
N ALA A 170 11.62 11.00 32.76
CA ALA A 170 12.67 10.45 31.90
C ALA A 170 13.16 11.44 30.86
N LEU A 171 12.39 12.50 30.58
CA LEU A 171 12.76 13.48 29.57
C LEU A 171 13.17 14.83 30.17
N LEU A 172 13.32 14.91 31.49
CA LEU A 172 13.75 16.16 32.08
C LEU A 172 15.16 16.53 31.63
N SER A 173 16.08 15.56 31.63
CA SER A 173 17.48 15.82 31.33
C SER A 173 17.81 15.64 29.85
N THR A 174 17.11 14.73 29.18
CA THR A 174 17.37 14.43 27.77
C THR A 174 16.08 14.55 26.98
N ASN A 175 16.21 14.56 25.65
CA ASN A 175 15.04 14.72 24.77
C ASN A 175 14.57 13.41 24.18
N LYS A 176 15.30 12.31 24.38
CA LYS A 176 14.91 11.02 23.86
C LYS A 176 15.32 9.96 24.86
N ALA A 177 14.38 9.07 25.20
CA ALA A 177 14.67 8.03 26.17
C ALA A 177 13.68 6.89 25.96
N VAL A 178 14.09 5.71 26.40
CA VAL A 178 13.28 4.50 26.35
C VAL A 178 12.55 4.36 27.67
N VAL A 179 11.24 4.14 27.62
CA VAL A 179 10.48 3.92 28.84
C VAL A 179 9.78 2.57 28.72
N SER A 180 9.75 1.84 29.83
CA SER A 180 9.02 0.59 29.93
C SER A 180 7.61 0.92 30.42
N LEU A 181 6.60 0.55 29.65
CA LEU A 181 5.22 0.83 30.03
C LEU A 181 4.67 -0.27 30.91
N SER A 182 3.54 0.03 31.57
CA SER A 182 2.98 -0.89 32.56
C SER A 182 2.49 -2.19 31.94
N ASN A 183 2.07 -2.16 30.67
CA ASN A 183 1.58 -3.34 29.97
C ASN A 183 2.71 -4.23 29.42
N GLY A 184 3.95 -3.97 29.79
CA GLY A 184 5.06 -4.79 29.33
C GLY A 184 5.60 -4.47 27.95
N VAL A 185 5.50 -3.22 27.51
CA VAL A 185 5.98 -2.79 26.20
C VAL A 185 6.97 -1.66 26.39
N SER A 186 8.14 -1.77 25.75
CA SER A 186 9.16 -0.72 25.81
C SER A 186 8.98 0.23 24.63
N VAL A 187 8.88 1.54 24.92
CA VAL A 187 8.63 2.56 23.91
C VAL A 187 9.73 3.62 23.95
N LEU A 188 10.07 4.13 22.77
CA LEU A 188 10.91 5.31 22.66
C LEU A 188 10.04 6.55 22.84
N THR A 189 10.49 7.47 23.69
CA THR A 189 9.82 8.74 23.91
C THR A 189 10.74 9.87 23.44
N PHE A 190 10.12 10.92 22.92
CA PHE A 190 10.82 11.99 22.24
C PHE A 190 10.15 13.32 22.55
N LYS A 191 10.88 14.25 23.14
CA LYS A 191 10.39 15.61 23.36
C LYS A 191 10.83 16.45 22.16
N VAL A 192 9.89 16.77 21.27
CA VAL A 192 10.25 17.46 20.04
C VAL A 192 10.14 18.98 20.12
N LEU A 193 9.48 19.51 21.15
CA LEU A 193 9.27 20.94 21.28
C LEU A 193 9.03 21.24 22.75
N ASP A 194 9.76 22.23 23.28
CA ASP A 194 9.68 22.63 24.69
C ASP A 194 9.11 24.03 24.75
N LEU A 195 7.78 24.14 24.59
CA LEU A 195 7.12 25.43 24.73
C LEU A 195 7.09 25.89 26.18
N LYS A 196 7.08 24.96 27.13
CA LYS A 196 7.15 25.33 28.54
C LYS A 196 8.39 26.17 28.82
N ASN A 197 9.55 25.69 28.36
CA ASN A 197 10.80 26.42 28.59
C ASN A 197 10.75 27.81 27.97
N TYR A 198 10.19 27.94 26.77
CA TYR A 198 10.20 29.25 26.12
C TYR A 198 9.22 30.21 26.80
N ILE A 199 7.99 29.77 27.06
CA ILE A 199 6.99 30.68 27.60
C ILE A 199 7.35 31.10 29.02
N ASP A 200 7.79 30.16 29.85
CA ASP A 200 7.97 30.46 31.27
C ASP A 200 9.22 31.32 31.51
N LYS A 201 10.30 31.05 30.78
CA LYS A 201 11.56 31.70 31.01
C LYS A 201 11.82 32.88 30.10
N GLN A 202 11.16 32.96 28.95
CA GLN A 202 11.37 34.07 28.04
C GLN A 202 10.16 34.97 27.86
N LEU A 203 8.94 34.47 28.04
CA LEU A 203 7.76 35.27 27.81
C LEU A 203 7.06 35.73 29.08
N LEU A 204 7.04 34.88 30.12
CA LEU A 204 6.35 35.23 31.35
C LEU A 204 6.89 36.48 32.06
N PRO A 205 8.20 36.81 32.01
CA PRO A 205 8.64 38.10 32.57
C PRO A 205 7.86 39.29 32.03
N ILE A 206 7.69 39.38 30.71
CA ILE A 206 6.96 40.50 30.13
C ILE A 206 5.47 40.20 30.15
N ILE A 214 7.24 45.29 25.35
CA ILE A 214 7.97 44.16 24.80
C ILE A 214 9.31 44.61 24.23
N SER A 215 9.31 45.81 23.66
CA SER A 215 10.48 46.48 23.10
C SER A 215 10.98 45.86 21.80
N ASN A 216 11.15 44.54 21.76
CA ASN A 216 11.83 43.89 20.64
C ASN A 216 10.80 43.17 19.76
N ILE A 217 10.79 43.51 18.47
CA ILE A 217 9.99 42.76 17.51
C ILE A 217 10.57 41.37 17.25
N GLU A 218 11.83 41.15 17.59
CA GLU A 218 12.42 39.83 17.43
C GLU A 218 11.77 38.81 18.33
N THR A 219 11.28 39.25 19.50
CA THR A 219 10.70 38.31 20.45
C THR A 219 9.31 37.87 20.02
N VAL A 220 8.52 38.76 19.41
CA VAL A 220 7.21 38.36 18.90
C VAL A 220 7.36 37.45 17.67
N ILE A 221 8.33 37.75 16.81
CA ILE A 221 8.59 36.88 15.67
C ILE A 221 9.09 35.52 16.15
N GLU A 222 9.95 35.52 17.16
CA GLU A 222 10.46 34.26 17.69
C GLU A 222 9.33 33.40 18.24
N PHE A 223 8.40 34.03 18.99
CA PHE A 223 7.29 33.28 19.54
C PHE A 223 6.41 32.69 18.45
N GLN A 224 6.16 33.46 17.37
CA GLN A 224 5.41 32.93 16.23
C GLN A 224 6.07 31.69 15.62
N GLN A 225 7.40 31.63 15.63
CA GLN A 225 8.10 30.46 15.10
C GLN A 225 7.95 29.25 16.01
N LYS A 226 8.10 29.46 17.32
CA LYS A 226 7.97 28.33 18.25
C LYS A 226 6.53 27.84 18.33
N ASN A 227 5.57 28.75 18.26
CA ASN A 227 4.16 28.38 18.38
C ASN A 227 3.63 27.69 17.13
N ASN A 228 4.21 27.98 15.96
CA ASN A 228 3.62 27.56 14.70
C ASN A 228 3.45 26.04 14.61
N ARG A 229 4.44 25.28 15.08
CA ARG A 229 4.38 23.82 14.99
C ARG A 229 3.20 23.28 15.78
N LEU A 230 2.99 23.79 17.00
CA LEU A 230 1.85 23.38 17.79
C LEU A 230 0.54 23.71 17.07
N LEU A 231 0.47 24.90 16.47
CA LEU A 231 -0.74 25.30 15.75
C LEU A 231 -1.02 24.39 14.57
N GLU A 232 0.03 23.98 13.84
CA GLU A 232 -0.16 23.13 12.67
C GLU A 232 -0.49 21.69 13.06
N ILE A 233 0.19 21.16 14.08
CA ILE A 233 -0.16 19.85 14.62
C ILE A 233 -1.63 19.82 15.04
N THR A 234 -2.08 20.88 15.72
CA THR A 234 -3.47 20.97 16.12
C THR A 234 -4.41 21.01 14.90
N ARG A 235 -4.08 21.82 13.89
CA ARG A 235 -4.91 21.85 12.68
C ARG A 235 -5.02 20.47 12.06
N GLU A 236 -3.90 19.75 11.97
CA GLU A 236 -3.89 18.43 11.37
C GLU A 236 -4.78 17.46 12.16
N PHE A 237 -4.63 17.45 13.48
CA PHE A 237 -5.45 16.55 14.28
C PHE A 237 -6.92 16.94 14.21
N SER A 238 -7.21 18.23 14.03
CA SER A 238 -8.59 18.71 14.06
C SER A 238 -9.39 18.23 12.85
N VAL A 239 -8.79 18.21 11.66
CA VAL A 239 -9.52 17.77 10.46
C VAL A 239 -9.43 16.28 10.23
N ASN A 240 -8.68 15.55 11.07
CA ASN A 240 -8.50 14.11 10.93
C ASN A 240 -9.02 13.39 12.16
N ALA A 241 -9.76 14.07 13.04
CA ALA A 241 -10.34 13.43 14.23
C ALA A 241 -9.27 12.71 15.05
N GLY A 242 -8.10 13.32 15.17
CA GLY A 242 -7.07 12.82 16.07
C GLY A 242 -6.19 11.70 15.56
N VAL A 243 -6.32 11.29 14.29
CA VAL A 243 -5.52 10.18 13.75
C VAL A 243 -5.11 10.55 12.33
N THR A 244 -3.81 10.74 12.09
CA THR A 244 -3.35 11.13 10.77
C THR A 244 -2.50 10.04 10.13
N THR A 245 -2.56 9.96 8.80
CA THR A 245 -1.66 9.16 7.97
C THR A 245 -1.74 9.71 6.55
N PRO A 246 -0.61 9.92 5.86
CA PRO A 246 0.78 9.77 6.31
C PRO A 246 1.17 10.71 7.47
N VAL A 247 2.25 10.40 8.20
CA VAL A 247 2.70 11.25 9.29
C VAL A 247 3.46 12.43 8.71
N SER A 248 2.99 13.63 8.98
CA SER A 248 3.55 14.84 8.39
C SER A 248 4.88 15.22 9.04
N THR A 249 5.57 16.21 8.42
CA THR A 249 6.79 16.69 9.03
C THR A 249 6.51 17.62 10.21
N TYR A 250 5.27 18.09 10.37
CA TYR A 250 4.91 18.77 11.62
C TYR A 250 4.82 17.77 12.77
N MET A 251 4.27 16.58 12.52
CA MET A 251 4.22 15.56 13.55
C MET A 251 5.62 15.10 13.94
N LEU A 252 6.46 14.89 12.93
CA LEU A 252 7.80 14.35 13.11
C LEU A 252 8.64 14.87 11.97
N THR A 253 9.67 15.67 12.27
CA THR A 253 10.52 16.13 11.20
C THR A 253 11.37 14.98 10.67
N ASN A 254 12.09 15.24 9.57
CA ASN A 254 12.93 14.18 9.05
C ASN A 254 14.11 13.88 9.95
N SER A 255 14.69 14.91 10.59
CA SER A 255 15.72 14.66 11.59
C SER A 255 15.17 13.81 12.72
N GLU A 256 14.01 14.18 13.24
CA GLU A 256 13.41 13.41 14.33
C GLU A 256 13.14 11.98 13.90
N LEU A 257 12.57 11.81 12.70
CA LEU A 257 12.24 10.47 12.19
C LEU A 257 13.51 9.63 12.02
N LEU A 258 14.52 10.18 11.34
CA LEU A 258 15.78 9.47 11.19
C LEU A 258 16.40 9.14 12.54
N SER A 259 16.32 10.08 13.49
CA SER A 259 16.80 9.78 14.84
C SER A 259 16.04 8.63 15.46
N LEU A 260 14.71 8.69 15.44
CA LEU A 260 13.92 7.58 15.96
C LEU A 260 14.35 6.25 15.35
N ILE A 261 14.48 6.21 14.03
CA ILE A 261 14.77 4.97 13.31
C ILE A 261 16.07 4.34 13.82
N ASN A 262 17.10 5.15 14.02
CA ASN A 262 18.41 4.64 14.41
C ASN A 262 18.41 3.93 15.76
N ASP A 263 17.42 4.17 16.63
CA ASP A 263 17.38 3.54 17.94
C ASP A 263 16.23 2.54 18.09
N MET A 264 15.56 2.20 17.04
CA MET A 264 14.50 1.22 17.16
C MET A 264 15.05 -0.19 17.41
N PRO A 265 14.28 -1.08 18.10
CA PRO A 265 14.73 -2.46 18.31
C PRO A 265 14.61 -3.29 17.03
N ILE A 266 15.47 -2.99 16.05
CA ILE A 266 15.40 -3.57 14.72
C ILE A 266 16.80 -3.81 14.19
N THR A 267 16.88 -4.67 13.17
CA THR A 267 18.16 -5.05 12.58
C THR A 267 18.78 -3.86 11.84
N ASN A 268 20.10 -3.93 11.62
CA ASN A 268 20.77 -2.86 10.88
C ASN A 268 20.27 -2.77 9.45
N ASP A 269 19.87 -3.90 8.86
CA ASP A 269 19.28 -3.85 7.53
C ASP A 269 17.96 -3.11 7.54
N GLN A 270 17.20 -3.25 8.62
CA GLN A 270 15.93 -2.52 8.74
C GLN A 270 16.18 -1.02 8.87
N LYS A 271 17.15 -0.63 9.72
CA LYS A 271 17.45 0.80 9.87
C LYS A 271 17.87 1.42 8.55
N LYS A 272 18.71 0.72 7.79
CA LYS A 272 19.16 1.27 6.51
C LYS A 272 18.00 1.38 5.53
N LEU A 273 17.14 0.36 5.49
CA LEU A 273 16.00 0.40 4.59
C LEU A 273 15.07 1.55 4.94
N MET A 274 14.80 1.77 6.23
CA MET A 274 13.89 2.83 6.65
C MET A 274 14.49 4.21 6.37
N SER A 275 15.80 4.36 6.63
CA SER A 275 16.47 5.64 6.47
C SER A 275 16.56 6.07 5.01
N ASN A 276 16.62 5.11 4.08
CA ASN A 276 16.72 5.41 2.66
C ASN A 276 15.37 5.50 1.97
N ASN A 277 14.29 5.32 2.71
CA ASN A 277 12.94 5.36 2.17
C ASN A 277 12.02 6.04 3.17
N VAL A 278 12.46 7.18 3.69
CA VAL A 278 11.75 7.81 4.79
C VAL A 278 10.35 8.24 4.34
N GLN A 279 10.20 8.62 3.07
CA GLN A 279 8.87 9.02 2.60
C GLN A 279 7.91 7.84 2.54
N ILE A 280 8.39 6.61 2.31
CA ILE A 280 7.49 5.46 2.38
C ILE A 280 7.14 5.16 3.82
N VAL A 281 8.13 5.21 4.73
CA VAL A 281 7.84 5.05 6.16
C VAL A 281 6.73 6.00 6.59
N ARG A 282 6.85 7.28 6.21
CA ARG A 282 5.82 8.28 6.58
C ARG A 282 4.45 7.87 6.09
N GLN A 283 4.39 7.33 4.87
CA GLN A 283 3.09 6.95 4.33
C GLN A 283 2.52 5.73 4.99
N GLN A 284 3.34 4.89 5.61
CA GLN A 284 2.81 3.70 6.27
C GLN A 284 2.65 3.91 7.77
N SER A 285 2.85 5.13 8.27
CA SER A 285 2.81 5.38 9.70
C SER A 285 1.51 6.09 10.04
N TYR A 286 1.14 6.04 11.33
CA TYR A 286 0.02 6.77 11.89
C TYR A 286 0.50 7.67 13.02
N SER A 287 -0.11 8.83 13.16
CA SER A 287 0.04 9.66 14.37
C SER A 287 -1.30 9.67 15.08
N ILE A 288 -1.31 9.35 16.37
CA ILE A 288 -2.54 9.15 17.14
C ILE A 288 -2.53 10.12 18.32
N MET A 289 -3.37 11.14 18.26
CA MET A 289 -3.43 12.10 19.36
C MET A 289 -3.86 11.37 20.63
N CYS A 290 -3.15 11.57 21.74
CA CYS A 290 -3.35 10.68 22.88
C CYS A 290 -3.80 11.39 24.14
N ILE A 291 -3.03 12.33 24.67
CA ILE A 291 -3.34 12.87 25.98
C ILE A 291 -2.71 14.24 26.09
N ILE A 292 -3.35 15.11 26.84
CA ILE A 292 -2.78 16.39 27.21
C ILE A 292 -3.07 16.55 28.69
N LYS A 293 -2.01 16.54 29.50
CA LYS A 293 -2.13 16.38 30.95
C LYS A 293 -0.79 16.69 31.59
N GLU A 294 -0.85 17.32 32.77
CA GLU A 294 0.36 17.66 33.53
C GLU A 294 1.35 18.44 32.66
N GLU A 295 0.84 19.41 31.90
CA GLU A 295 1.63 20.25 31.01
C GLU A 295 2.42 19.45 29.97
N VAL A 296 1.90 18.29 29.57
CA VAL A 296 2.51 17.46 28.55
C VAL A 296 1.45 17.10 27.52
N LEU A 297 1.70 17.41 26.26
CA LEU A 297 0.90 16.94 25.14
C LEU A 297 1.62 15.72 24.58
N ALA A 298 0.92 14.58 24.49
CA ALA A 298 1.55 13.35 23.99
C ALA A 298 0.73 12.75 22.86
N TYR A 299 1.39 12.39 21.77
CA TYR A 299 0.76 11.56 20.75
C TYR A 299 1.64 10.35 20.46
N VAL A 300 1.00 9.29 20.03
CA VAL A 300 1.68 8.06 19.66
C VAL A 300 1.95 8.11 18.16
N VAL A 301 3.19 7.83 17.77
CA VAL A 301 3.48 7.62 16.36
C VAL A 301 3.74 6.14 16.17
N GLN A 302 2.92 5.52 15.32
CA GLN A 302 2.95 4.09 15.08
C GLN A 302 3.70 3.88 13.77
N LEU A 303 4.90 3.32 13.84
CA LEU A 303 5.77 3.17 12.67
C LEU A 303 5.79 1.71 12.20
N PRO A 304 5.97 1.47 10.90
CA PRO A 304 5.99 0.10 10.39
C PRO A 304 7.25 -0.64 10.84
N LEU A 305 7.08 -1.92 11.18
CA LEU A 305 8.19 -2.87 11.30
C LEU A 305 8.24 -3.70 10.03
N TYR A 306 9.41 -3.78 9.41
CA TYR A 306 9.54 -4.51 8.13
C TYR A 306 10.23 -5.84 8.44
N GLY A 307 9.43 -6.84 8.82
CA GLY A 307 9.98 -8.12 9.27
C GLY A 307 10.30 -9.08 8.13
N VAL A 308 10.00 -8.69 6.89
CA VAL A 308 10.38 -9.45 5.71
C VAL A 308 11.03 -8.48 4.73
N ILE A 309 12.28 -8.73 4.37
CA ILE A 309 13.05 -7.81 3.54
C ILE A 309 13.89 -8.65 2.60
N ASP A 310 14.02 -8.19 1.35
CA ASP A 310 14.98 -8.76 0.38
C ASP A 310 14.59 -10.16 -0.08
N THR A 311 13.34 -10.57 0.06
CA THR A 311 12.92 -11.78 -0.61
C THR A 311 12.41 -11.43 -2.01
N PRO A 312 12.40 -12.40 -2.92
CA PRO A 312 11.94 -12.11 -4.28
C PRO A 312 10.45 -11.78 -4.33
N CYS A 313 10.11 -10.75 -5.10
CA CYS A 313 8.72 -10.43 -5.40
C CYS A 313 8.50 -10.37 -6.90
N TRP A 314 7.25 -10.58 -7.32
CA TRP A 314 6.93 -10.52 -8.74
C TRP A 314 5.50 -10.03 -8.88
N LYS A 315 5.23 -9.28 -9.95
CA LYS A 315 3.90 -8.72 -10.18
C LYS A 315 3.23 -9.45 -11.34
N LEU A 316 2.01 -9.90 -11.09
CA LEU A 316 1.21 -10.61 -12.09
C LEU A 316 0.18 -9.64 -12.66
N HIS A 317 0.23 -9.45 -13.97
CA HIS A 317 -0.72 -8.65 -14.72
C HIS A 317 -1.59 -9.56 -15.59
N THR A 318 -2.90 -9.32 -15.60
CA THR A 318 -3.82 -10.20 -16.34
C THR A 318 -4.84 -9.35 -17.09
N SER A 319 -5.35 -9.88 -18.22
CA SER A 319 -6.29 -9.17 -19.08
C SER A 319 -7.21 -10.21 -19.73
N PRO A 320 -8.42 -9.80 -20.18
CA PRO A 320 -9.37 -10.82 -20.69
C PRO A 320 -8.93 -11.47 -21.99
N LEU A 321 -9.09 -12.79 -22.01
CA LEU A 321 -8.75 -13.64 -23.15
C LEU A 321 -10.06 -14.16 -23.73
N CYS A 322 -10.43 -13.69 -24.92
CA CYS A 322 -11.71 -14.03 -25.55
C CYS A 322 -11.50 -14.71 -26.90
N THR A 323 -12.46 -15.55 -27.31
CA THR A 323 -12.47 -15.98 -28.70
C THR A 323 -12.82 -14.79 -29.57
N THR A 324 -12.54 -14.92 -30.86
CA THR A 324 -12.64 -13.81 -31.80
C THR A 324 -13.51 -14.15 -33.00
N ASN A 325 -14.61 -14.87 -32.79
CA ASN A 325 -15.56 -15.21 -33.86
C ASN A 325 -16.27 -13.95 -34.32
N SER A 330 -21.44 -14.44 -29.45
CA SER A 330 -21.05 -15.85 -29.64
C SER A 330 -19.64 -16.10 -29.11
N ASN A 331 -19.02 -15.09 -28.52
CA ASN A 331 -17.67 -15.25 -28.00
C ASN A 331 -17.68 -15.51 -26.50
N ILE A 332 -16.69 -16.28 -26.04
CA ILE A 332 -16.51 -16.57 -24.62
C ILE A 332 -15.15 -16.05 -24.20
N CYS A 333 -15.02 -15.74 -22.91
CA CYS A 333 -13.82 -15.11 -22.38
C CYS A 333 -13.46 -15.76 -21.06
N LEU A 334 -12.19 -15.71 -20.71
CA LEU A 334 -11.78 -15.90 -19.33
C LEU A 334 -10.66 -14.93 -19.01
N THR A 335 -10.51 -14.63 -17.71
CA THR A 335 -9.46 -13.74 -17.23
C THR A 335 -8.86 -14.38 -15.98
N ARG A 336 -7.53 -14.44 -15.89
CA ARG A 336 -6.92 -14.86 -14.64
C ARG A 336 -7.22 -13.80 -13.57
N THR A 337 -7.82 -14.22 -12.46
CA THR A 337 -8.23 -13.25 -11.44
C THR A 337 -7.15 -13.00 -10.40
N ASP A 338 -6.03 -13.73 -10.46
CA ASP A 338 -5.01 -13.66 -9.42
C ASP A 338 -3.98 -12.55 -9.66
N ARG A 339 -4.35 -11.49 -10.38
CA ARG A 339 -3.44 -10.37 -10.58
C ARG A 339 -3.07 -9.75 -9.24
N GLY A 340 -1.86 -9.24 -9.16
CA GLY A 340 -1.39 -8.60 -7.94
C GLY A 340 0.08 -8.85 -7.72
N TRP A 341 0.54 -8.41 -6.55
CA TRP A 341 1.94 -8.59 -6.12
C TRP A 341 2.04 -9.89 -5.36
N TYR A 342 3.16 -10.58 -5.55
CA TYR A 342 3.51 -11.83 -4.87
C TYR A 342 4.91 -11.66 -4.32
N CYS A 343 5.14 -12.04 -3.06
CA CYS A 343 6.48 -12.02 -2.48
C CYS A 343 6.69 -13.33 -1.74
N ASP A 344 7.84 -13.97 -1.96
CA ASP A 344 8.23 -15.07 -1.11
C ASP A 344 8.29 -14.62 0.35
N ASN A 345 7.82 -15.47 1.26
CA ASN A 345 7.69 -15.05 2.66
C ASN A 345 7.54 -16.30 3.52
N ALA A 346 8.61 -16.66 4.22
CA ALA A 346 8.54 -17.63 5.31
C ALA A 346 8.05 -18.98 4.82
N GLY A 347 8.50 -19.40 3.62
CA GLY A 347 8.16 -20.69 3.08
C GLY A 347 6.86 -20.72 2.32
N SER A 348 6.07 -19.65 2.38
CA SER A 348 4.83 -19.50 1.63
C SER A 348 4.98 -18.30 0.70
N VAL A 349 3.87 -17.87 0.11
CA VAL A 349 3.88 -16.67 -0.73
C VAL A 349 2.80 -15.71 -0.23
N SER A 350 3.20 -14.46 0.05
CA SER A 350 2.22 -13.43 0.42
C SER A 350 1.68 -12.83 -0.87
N PHE A 351 0.36 -12.85 -1.04
CA PHE A 351 -0.32 -12.38 -2.25
C PHE A 351 -1.12 -11.14 -1.93
N PHE A 352 -0.89 -10.06 -2.68
CA PHE A 352 -1.52 -8.77 -2.47
C PHE A 352 -2.40 -8.46 -3.68
N PRO A 353 -3.71 -8.73 -3.61
CA PRO A 353 -4.55 -8.64 -4.82
C PRO A 353 -4.72 -7.21 -5.31
N GLN A 354 -4.64 -6.22 -4.44
CA GLN A 354 -4.77 -4.81 -4.87
C GLN A 354 -3.36 -4.26 -5.05
N ALA A 355 -2.77 -4.52 -6.24
CA ALA A 355 -1.37 -4.14 -6.47
C ALA A 355 -1.15 -2.65 -6.23
N GLU A 356 -2.18 -1.83 -6.46
CA GLU A 356 -2.05 -0.38 -6.34
C GLU A 356 -1.81 0.07 -4.90
N THR A 357 -2.05 -0.78 -3.90
CA THR A 357 -1.77 -0.39 -2.52
C THR A 357 -0.30 -0.52 -2.15
N CYS A 358 0.45 -1.37 -2.85
CA CYS A 358 1.88 -1.47 -2.60
C CYS A 358 2.59 -0.26 -3.18
N LYS A 359 3.73 0.11 -2.59
CA LYS A 359 4.56 1.19 -3.09
C LYS A 359 5.86 0.61 -3.62
N VAL A 360 6.26 1.07 -4.80
CA VAL A 360 7.44 0.53 -5.48
C VAL A 360 8.44 1.66 -5.62
N GLN A 361 9.63 1.47 -5.04
CA GLN A 361 10.74 2.42 -5.21
C GLN A 361 11.89 1.67 -5.85
N SER A 362 12.16 1.99 -7.12
CA SER A 362 13.14 1.30 -7.95
C SER A 362 12.74 -0.17 -8.04
N ASN A 363 13.51 -1.09 -7.47
CA ASN A 363 13.15 -2.51 -7.48
C ASN A 363 12.72 -3.02 -6.11
N ARG A 364 12.49 -2.12 -5.16
CA ARG A 364 12.03 -2.48 -3.82
C ARG A 364 10.52 -2.33 -3.74
N VAL A 365 9.84 -3.35 -3.21
CA VAL A 365 8.37 -3.40 -3.20
C VAL A 365 7.91 -3.35 -1.76
N PHE A 366 7.24 -2.24 -1.37
CA PHE A 366 6.70 -2.09 -0.02
C PHE A 366 5.22 -2.46 -0.03
N CYS A 367 4.87 -3.62 0.51
CA CYS A 367 3.48 -4.01 0.68
C CYS A 367 3.17 -4.23 2.17
N ASP A 368 1.89 -4.38 2.50
CA ASP A 368 1.44 -4.49 3.88
C ASP A 368 0.74 -5.84 4.01
N THR A 369 1.24 -6.70 4.91
CA THR A 369 0.66 -8.04 5.00
C THR A 369 -0.81 -8.03 5.43
N MET A 370 -1.30 -6.94 6.03
CA MET A 370 -2.73 -6.83 6.30
C MET A 370 -3.54 -6.93 5.02
N ASN A 371 -2.93 -6.60 3.87
CA ASN A 371 -3.62 -6.63 2.59
C ASN A 371 -3.28 -7.87 1.77
N SER A 372 -2.97 -8.99 2.42
CA SER A 372 -2.47 -10.15 1.72
C SER A 372 -3.23 -11.40 2.15
N LEU A 373 -3.21 -12.39 1.27
CA LEU A 373 -3.46 -13.79 1.60
C LEU A 373 -2.13 -14.50 1.69
N THR A 374 -2.06 -15.56 2.49
CA THR A 374 -0.87 -16.41 2.57
C THR A 374 -1.17 -17.67 1.77
N LEU A 375 -0.43 -17.87 0.67
CA LEU A 375 -0.73 -18.93 -0.27
C LEU A 375 0.41 -19.94 -0.36
N PRO A 376 0.12 -21.19 -0.73
CA PRO A 376 1.21 -22.12 -1.02
C PRO A 376 2.07 -21.59 -2.16
N SER A 377 3.36 -21.92 -2.13
CA SER A 377 4.24 -21.39 -3.18
C SER A 377 3.87 -21.97 -4.54
N GLU A 378 3.11 -23.08 -4.58
CA GLU A 378 2.67 -23.64 -5.86
C GLU A 378 1.72 -22.71 -6.63
N VAL A 379 1.26 -21.61 -6.01
CA VAL A 379 0.46 -20.63 -6.77
C VAL A 379 1.24 -20.13 -7.98
N ASN A 380 2.57 -20.14 -7.90
CA ASN A 380 3.35 -19.64 -9.01
C ASN A 380 3.27 -20.56 -10.22
N LEU A 381 2.87 -21.83 -10.02
CA LEU A 381 2.74 -22.74 -11.16
C LEU A 381 1.71 -22.25 -12.16
N CYS A 382 0.74 -21.44 -11.73
CA CYS A 382 -0.26 -20.90 -12.66
C CYS A 382 0.36 -20.07 -13.76
N ASN A 383 1.59 -19.56 -13.56
CA ASN A 383 2.23 -18.77 -14.60
C ASN A 383 2.87 -19.65 -15.67
N VAL A 384 3.35 -20.84 -15.32
CA VAL A 384 3.97 -21.72 -16.30
C VAL A 384 3.02 -22.78 -16.82
N ASP A 385 2.11 -23.29 -15.99
CA ASP A 385 1.14 -24.28 -16.49
C ASP A 385 -0.16 -24.08 -15.73
N ILE A 386 -1.09 -23.37 -16.37
CA ILE A 386 -2.34 -23.06 -15.68
C ILE A 386 -3.20 -24.30 -15.45
N PHE A 387 -2.91 -25.40 -16.15
CA PHE A 387 -3.62 -26.65 -15.90
C PHE A 387 -2.87 -27.58 -14.94
N ASN A 388 -1.84 -27.08 -14.25
CA ASN A 388 -1.02 -27.91 -13.38
C ASN A 388 -1.87 -28.60 -12.30
N PRO A 389 -1.48 -29.81 -11.87
CA PRO A 389 -2.27 -30.52 -10.85
C PRO A 389 -2.01 -30.13 -9.40
N LYS A 390 -1.07 -29.23 -9.11
CA LYS A 390 -0.71 -28.98 -7.73
C LYS A 390 -1.46 -27.81 -7.13
N TYR A 391 -1.93 -26.90 -7.98
CA TYR A 391 -2.60 -25.71 -7.51
C TYR A 391 -3.69 -25.36 -8.53
N ASP A 392 -4.89 -25.08 -8.03
CA ASP A 392 -6.08 -24.82 -8.83
C ASP A 392 -6.15 -23.34 -9.16
N CYS A 393 -5.69 -22.97 -10.37
CA CYS A 393 -5.53 -21.58 -10.74
C CYS A 393 -6.88 -20.87 -10.86
N LYS A 394 -6.93 -19.62 -10.39
CA LYS A 394 -8.19 -18.88 -10.32
C LYS A 394 -8.44 -18.11 -11.61
N ILE A 395 -9.69 -18.17 -12.08
CA ILE A 395 -10.13 -17.48 -13.30
C ILE A 395 -11.56 -17.02 -13.10
N MET A 396 -11.96 -16.04 -13.89
CA MET A 396 -13.36 -15.68 -14.04
C MET A 396 -13.73 -15.89 -15.50
N THR A 397 -15.01 -16.12 -15.77
CA THR A 397 -15.45 -16.37 -17.14
C THR A 397 -16.54 -15.39 -17.49
N SER A 398 -16.69 -15.11 -18.78
CA SER A 398 -17.75 -14.19 -19.16
C SER A 398 -17.95 -14.26 -20.66
N LYS A 399 -18.91 -13.49 -21.15
CA LYS A 399 -19.12 -13.27 -22.58
C LYS A 399 -18.93 -11.80 -22.95
N THR A 400 -18.34 -11.00 -22.07
CA THR A 400 -18.17 -9.57 -22.30
C THR A 400 -16.82 -9.30 -22.94
N ASP A 401 -16.76 -9.34 -24.27
CA ASP A 401 -15.49 -9.20 -24.96
C ASP A 401 -15.29 -7.73 -25.32
N VAL A 402 -14.84 -6.94 -24.34
CA VAL A 402 -14.57 -5.53 -24.59
C VAL A 402 -13.05 -5.36 -24.60
N SER A 403 -12.60 -4.31 -25.28
CA SER A 403 -11.18 -4.10 -25.50
C SER A 403 -10.57 -3.22 -24.41
N SER A 404 -9.32 -3.51 -24.07
CA SER A 404 -8.60 -2.70 -23.10
C SER A 404 -7.14 -3.08 -23.14
N SER A 405 -6.32 -2.32 -22.40
CA SER A 405 -4.91 -2.64 -22.22
C SER A 405 -4.58 -2.65 -20.74
N VAL A 406 -3.60 -3.48 -20.39
CA VAL A 406 -2.99 -3.47 -19.07
C VAL A 406 -1.52 -3.12 -19.26
N ILE A 407 -1.11 -1.98 -18.71
CA ILE A 407 0.27 -1.54 -18.80
C ILE A 407 1.06 -2.30 -17.73
N THR A 408 2.08 -3.03 -18.16
CA THR A 408 2.86 -3.86 -17.24
C THR A 408 4.10 -3.10 -16.77
N SER A 409 5.00 -3.80 -16.06
CA SER A 409 6.24 -3.15 -15.65
C SER A 409 7.10 -2.78 -16.85
N LEU A 410 7.12 -3.64 -17.90
CA LEU A 410 8.05 -3.48 -19.01
C LEU A 410 7.37 -3.47 -20.38
N GLY A 411 6.05 -3.39 -20.43
CA GLY A 411 5.38 -3.44 -21.71
C GLY A 411 3.89 -3.18 -21.58
N ALA A 412 3.08 -3.86 -22.39
CA ALA A 412 1.65 -3.63 -22.41
C ALA A 412 0.96 -4.87 -22.96
N ILE A 413 -0.03 -5.40 -22.22
CA ILE A 413 -0.92 -6.43 -22.73
C ILE A 413 -2.08 -5.71 -23.40
N VAL A 414 -2.48 -6.17 -24.57
CA VAL A 414 -3.59 -5.56 -25.30
C VAL A 414 -4.63 -6.63 -25.58
N SER A 415 -5.83 -6.42 -25.06
CA SER A 415 -6.99 -7.25 -25.34
C SER A 415 -7.85 -6.48 -26.35
N CYS A 416 -7.81 -6.91 -27.62
CA CYS A 416 -8.45 -6.20 -28.72
C CYS A 416 -9.55 -7.07 -29.29
N TYR A 417 -10.80 -6.61 -29.21
CA TYR A 417 -11.95 -7.42 -29.64
C TYR A 417 -12.91 -6.56 -30.44
N GLY A 418 -13.74 -7.23 -31.23
CA GLY A 418 -14.75 -6.51 -32.02
C GLY A 418 -14.13 -5.61 -33.07
N LYS A 419 -14.59 -4.37 -33.13
CA LYS A 419 -14.17 -3.38 -34.11
C LYS A 419 -13.13 -2.41 -33.60
N THR A 420 -12.58 -2.65 -32.42
CA THR A 420 -11.72 -1.65 -31.78
C THR A 420 -10.43 -1.47 -32.56
N LYS A 421 -9.98 -0.22 -32.66
CA LYS A 421 -8.66 0.10 -33.22
C LYS A 421 -7.63 0.01 -32.11
N CYS A 422 -6.64 -0.85 -32.28
CA CYS A 422 -5.63 -1.11 -31.25
C CYS A 422 -4.25 -1.03 -31.90
N THR A 423 -3.39 -0.12 -31.43
CA THR A 423 -2.10 0.10 -32.08
C THR A 423 -1.05 0.34 -31.02
N ALA A 424 0.22 0.24 -31.45
CA ALA A 424 1.37 0.63 -30.63
C ALA A 424 2.22 1.59 -31.43
N SER A 425 2.77 2.62 -30.76
CA SER A 425 3.52 3.63 -31.48
C SER A 425 4.88 3.86 -30.83
N ASN A 426 5.84 4.30 -31.67
CA ASN A 426 7.26 4.24 -31.37
C ASN A 426 7.73 5.58 -30.82
N LYS A 427 9.06 5.78 -30.80
CA LYS A 427 9.64 6.95 -30.13
C LYS A 427 9.27 8.25 -30.85
N ASN A 428 9.00 8.17 -32.15
CA ASN A 428 8.50 9.30 -32.90
C ASN A 428 6.99 9.30 -32.96
N ARG A 429 6.34 8.43 -32.16
CA ARG A 429 4.89 8.29 -32.14
C ARG A 429 4.31 8.02 -33.54
N GLY A 430 5.05 7.26 -34.35
CA GLY A 430 4.49 6.61 -35.52
C GLY A 430 3.98 5.24 -35.13
N ILE A 431 2.82 4.87 -35.69
CA ILE A 431 2.32 3.52 -35.47
C ILE A 431 3.32 2.51 -36.04
N ILE A 432 3.74 1.55 -35.23
CA ILE A 432 4.61 0.49 -35.74
C ILE A 432 3.98 -0.89 -35.63
N LYS A 433 2.84 -1.04 -34.96
CA LYS A 433 2.16 -2.31 -34.87
C LYS A 433 0.67 -2.05 -34.74
N THR A 434 -0.13 -2.82 -35.49
CA THR A 434 -1.59 -2.84 -35.34
C THR A 434 -1.97 -4.22 -34.84
N PHE A 435 -2.64 -4.27 -33.69
CA PHE A 435 -3.04 -5.55 -33.09
C PHE A 435 -4.26 -6.11 -33.80
N SER A 436 -4.22 -7.42 -34.05
CA SER A 436 -5.38 -8.20 -34.48
C SER A 436 -6.24 -8.53 -33.27
N ASN A 437 -7.47 -9.00 -33.54
CA ASN A 437 -8.34 -9.41 -32.45
C ASN A 437 -7.69 -10.55 -31.67
N GLY A 438 -7.78 -10.49 -30.37
CA GLY A 438 -7.11 -11.45 -29.53
C GLY A 438 -6.36 -10.73 -28.45
N CYS A 439 -5.57 -11.47 -27.69
CA CYS A 439 -4.74 -10.91 -26.62
C CYS A 439 -3.27 -10.96 -27.05
N ASP A 440 -2.60 -9.82 -27.02
CA ASP A 440 -1.25 -9.71 -27.57
C ASP A 440 -0.46 -8.80 -26.64
N TYR A 441 0.79 -8.51 -26.99
CA TYR A 441 1.66 -7.83 -26.04
C TYR A 441 2.80 -7.16 -26.79
N VAL A 442 3.24 -5.99 -26.30
CA VAL A 442 4.48 -5.40 -26.77
C VAL A 442 5.32 -4.99 -25.57
N SER A 443 6.63 -4.97 -25.76
CA SER A 443 7.55 -4.50 -24.73
C SER A 443 7.80 -3.00 -24.90
N ASN A 444 8.35 -2.37 -23.86
CA ASN A 444 8.66 -0.96 -23.89
C ASN A 444 9.96 -0.66 -24.63
N LYS A 445 10.53 -1.66 -25.31
CA LYS A 445 11.81 -1.47 -25.99
C LYS A 445 11.71 -0.43 -27.10
N GLY A 446 10.78 -0.62 -28.03
CA GLY A 446 10.59 0.34 -29.10
C GLY A 446 9.26 1.06 -29.07
N VAL A 447 8.45 0.86 -28.03
CA VAL A 447 7.10 1.38 -27.95
C VAL A 447 7.05 2.39 -26.81
N ASP A 448 6.48 3.57 -27.09
CA ASP A 448 6.24 4.59 -26.08
C ASP A 448 4.79 4.62 -25.61
N THR A 449 3.85 4.30 -26.50
CA THR A 449 2.43 4.37 -26.20
C THR A 449 1.71 3.25 -26.92
N VAL A 450 0.55 2.90 -26.37
CA VAL A 450 -0.39 1.97 -26.98
C VAL A 450 -1.73 2.69 -26.98
N SER A 451 -2.54 2.49 -28.02
CA SER A 451 -3.88 3.07 -28.06
C SER A 451 -4.86 1.93 -28.26
N VAL A 452 -5.88 1.87 -27.41
CA VAL A 452 -6.97 0.90 -27.55
C VAL A 452 -8.25 1.71 -27.61
N GLY A 453 -8.91 1.72 -28.79
CA GLY A 453 -10.08 2.57 -28.96
C GLY A 453 -9.69 4.03 -28.83
N ASN A 454 -10.41 4.76 -27.96
CA ASN A 454 -10.14 6.17 -27.71
C ASN A 454 -9.22 6.39 -26.51
N THR A 455 -8.60 5.33 -25.99
CA THR A 455 -7.75 5.44 -24.82
C THR A 455 -6.29 5.28 -25.22
N LEU A 456 -5.52 6.34 -25.04
CA LEU A 456 -4.06 6.26 -25.19
C LEU A 456 -3.42 5.97 -23.84
N TYR A 457 -2.47 5.03 -23.84
CA TYR A 457 -1.70 4.66 -22.65
C TYR A 457 -0.23 4.93 -22.91
N TYR A 458 0.45 5.58 -21.97
CA TYR A 458 1.92 5.63 -22.00
C TYR A 458 2.43 4.39 -21.29
N VAL A 459 3.48 3.74 -21.88
CA VAL A 459 4.04 2.55 -21.24
C VAL A 459 5.15 3.01 -20.31
N ASN A 460 5.48 2.20 -19.30
CA ASN A 460 6.58 2.55 -18.41
C ASN A 460 7.89 2.42 -19.16
N LYS A 461 8.80 3.39 -18.98
CA LYS A 461 10.08 3.34 -19.66
C LYS A 461 11.21 2.75 -18.81
N GLN A 462 10.87 2.02 -17.74
CA GLN A 462 11.87 1.31 -16.96
C GLN A 462 12.69 0.36 -17.85
N GLU A 463 14.01 0.36 -17.64
CA GLU A 463 14.89 -0.56 -18.36
C GLU A 463 14.68 -1.99 -17.86
N GLY A 464 14.64 -2.93 -18.80
CA GLY A 464 14.58 -4.35 -18.45
C GLY A 464 14.35 -5.18 -19.69
N LYS A 465 14.40 -6.50 -19.50
CA LYS A 465 14.32 -7.47 -20.59
C LYS A 465 12.97 -8.17 -20.56
N SER A 466 12.24 -8.10 -21.65
CA SER A 466 10.93 -8.75 -21.77
C SER A 466 11.05 -9.96 -22.68
N LEU A 467 10.33 -11.04 -22.38
CA LEU A 467 10.33 -12.27 -23.17
C LEU A 467 8.89 -12.61 -23.52
N TYR A 468 8.61 -12.81 -24.80
CA TYR A 468 7.27 -13.16 -25.28
C TYR A 468 7.17 -14.69 -25.32
N VAL A 469 6.34 -15.28 -24.47
CA VAL A 469 6.21 -16.74 -24.42
C VAL A 469 5.02 -17.16 -25.27
N LYS A 470 5.29 -17.70 -26.45
CA LYS A 470 4.23 -18.10 -27.38
C LYS A 470 3.42 -19.27 -26.84
N GLY A 471 2.16 -19.31 -27.20
CA GLY A 471 1.31 -20.38 -26.74
C GLY A 471 -0.10 -20.22 -27.27
N GLU A 472 -0.77 -21.32 -27.53
CA GLU A 472 -2.14 -21.24 -28.01
C GLU A 472 -3.05 -20.72 -26.90
N PRO A 473 -3.87 -19.71 -27.18
CA PRO A 473 -4.83 -19.22 -26.18
C PRO A 473 -5.70 -20.34 -25.62
N ILE A 474 -5.71 -20.46 -24.29
CA ILE A 474 -6.42 -21.59 -23.68
C ILE A 474 -7.92 -21.48 -23.91
N ILE A 475 -8.44 -20.28 -24.19
CA ILE A 475 -9.88 -20.15 -24.47
C ILE A 475 -10.26 -20.99 -25.69
N ASN A 476 -9.30 -21.29 -26.57
CA ASN A 476 -9.59 -22.13 -27.72
C ASN A 476 -9.90 -23.57 -27.34
N PHE A 477 -9.60 -24.00 -26.12
CA PHE A 477 -9.82 -25.40 -25.75
C PHE A 477 -11.22 -25.66 -25.23
N TYR A 478 -12.08 -24.64 -25.15
CA TYR A 478 -13.37 -24.76 -24.50
C TYR A 478 -14.48 -24.80 -25.56
N ASP A 479 -15.37 -25.76 -25.40
CA ASP A 479 -16.58 -25.80 -26.23
C ASP A 479 -17.55 -24.74 -25.75
N PRO A 480 -17.85 -23.72 -26.56
CA PRO A 480 -18.73 -22.64 -26.09
C PRO A 480 -20.12 -23.11 -25.73
N LEU A 481 -20.55 -24.25 -26.28
CA LEU A 481 -21.90 -24.73 -26.01
C LEU A 481 -22.06 -25.22 -24.58
N VAL A 482 -20.97 -25.58 -23.89
CA VAL A 482 -21.06 -26.02 -22.51
C VAL A 482 -20.17 -25.16 -21.59
N PHE A 483 -19.78 -23.98 -22.06
CA PHE A 483 -18.90 -23.11 -21.30
C PHE A 483 -19.69 -22.38 -20.22
N PRO A 484 -19.31 -22.48 -18.95
CA PRO A 484 -20.05 -21.77 -17.90
C PRO A 484 -19.54 -20.33 -17.82
N SER A 485 -20.45 -19.37 -17.98
CA SER A 485 -20.12 -17.95 -17.92
C SER A 485 -20.74 -17.28 -16.69
N ASP A 486 -20.32 -16.04 -16.45
CA ASP A 486 -20.71 -15.30 -15.23
C ASP A 486 -20.18 -16.02 -13.99
N GLU A 487 -19.01 -16.65 -14.11
CA GLU A 487 -18.29 -17.21 -12.96
C GLU A 487 -17.24 -16.20 -12.52
N PHE A 488 -17.43 -15.57 -11.35
CA PHE A 488 -16.46 -14.59 -10.89
C PHE A 488 -15.39 -15.18 -9.99
N ASP A 489 -15.78 -16.02 -9.05
CA ASP A 489 -14.91 -16.59 -8.04
C ASP A 489 -14.64 -18.06 -8.40
N ALA A 490 -14.09 -18.28 -9.58
CA ALA A 490 -14.01 -19.62 -10.14
C ALA A 490 -12.56 -20.06 -10.23
N SER A 491 -12.34 -21.21 -10.85
CA SER A 491 -11.00 -21.76 -11.01
C SER A 491 -11.04 -22.74 -12.17
N ILE A 492 -9.84 -23.17 -12.60
CA ILE A 492 -9.71 -24.15 -13.67
C ILE A 492 -10.53 -25.39 -13.37
N SER A 493 -10.36 -25.97 -12.18
CA SER A 493 -11.05 -27.22 -11.83
C SER A 493 -12.55 -27.00 -11.71
N GLN A 494 -12.96 -25.90 -11.08
CA GLN A 494 -14.38 -25.62 -10.93
C GLN A 494 -15.06 -25.53 -12.29
N VAL A 495 -14.43 -24.82 -13.22
CA VAL A 495 -14.98 -24.72 -14.56
C VAL A 495 -15.01 -26.08 -15.24
N ASN A 496 -13.93 -26.87 -15.10
CA ASN A 496 -13.92 -28.20 -15.70
C ASN A 496 -15.05 -29.07 -15.18
N GLU A 497 -15.34 -28.97 -13.89
CA GLU A 497 -16.38 -29.83 -13.33
C GLU A 497 -17.76 -29.43 -13.85
N LYS A 498 -17.99 -28.11 -14.00
CA LYS A 498 -19.27 -27.69 -14.57
C LYS A 498 -19.40 -28.18 -16.01
N ILE A 499 -18.31 -28.09 -16.77
CA ILE A 499 -18.31 -28.58 -18.15
C ILE A 499 -18.62 -30.07 -18.15
N ASN A 500 -17.94 -30.83 -17.30
CA ASN A 500 -18.21 -32.26 -17.20
C ASN A 500 -19.68 -32.53 -16.87
N GLN A 501 -20.25 -31.79 -15.90
CA GLN A 501 -21.66 -31.97 -15.56
C GLN A 501 -22.56 -31.68 -16.76
N SER A 502 -22.26 -30.62 -17.52
CA SER A 502 -23.09 -30.28 -18.67
C SER A 502 -22.98 -31.35 -19.75
N LEU A 503 -21.78 -31.86 -19.98
CA LEU A 503 -21.60 -32.88 -21.02
C LEU A 503 -22.26 -34.19 -20.62
N ALA A 504 -22.25 -34.53 -19.33
CA ALA A 504 -22.88 -35.76 -18.86
C ALA A 504 -24.37 -35.75 -19.15
N PHE A 505 -25.04 -34.61 -18.92
CA PHE A 505 -26.47 -34.55 -19.19
C PHE A 505 -26.76 -34.72 -20.67
N ILE A 506 -25.97 -34.08 -21.53
CA ILE A 506 -26.19 -34.19 -22.97
C ILE A 506 -25.99 -35.64 -23.43
N ARG A 507 -24.92 -36.30 -22.97
CA ARG A 507 -24.71 -37.70 -23.36
C ARG A 507 -25.80 -38.61 -22.82
N LYS A 508 -26.32 -38.34 -21.63
CA LYS A 508 -27.39 -39.15 -21.07
C LYS A 508 -28.69 -38.97 -21.86
N SER A 509 -29.02 -37.73 -22.23
CA SER A 509 -30.27 -37.49 -22.96
C SER A 509 -30.22 -38.07 -24.37
N ASP A 510 -29.08 -37.93 -25.06
CA ASP A 510 -28.96 -38.51 -26.39
C ASP A 510 -29.14 -40.02 -26.38
N GLU A 511 -28.67 -40.70 -25.32
CA GLU A 511 -28.84 -42.15 -25.23
C GLU A 511 -30.23 -42.54 -24.72
N LEU A 512 -30.82 -41.73 -23.84
CA LEU A 512 -32.17 -42.01 -23.36
C LEU A 512 -33.21 -41.76 -24.45
N LEU A 513 -32.98 -40.77 -25.31
CA LEU A 513 -33.91 -40.52 -26.41
C LEU A 513 -33.77 -41.57 -27.51
N SER A 514 -32.56 -42.07 -27.76
CA SER A 514 -32.37 -43.09 -28.79
C SER A 514 -32.99 -44.42 -28.38
N ALA A 515 -32.99 -44.73 -27.08
CA ALA A 515 -33.63 -45.97 -26.63
C ALA A 515 -35.15 -45.87 -26.70
N ILE A 516 -35.70 -44.67 -26.53
CA ILE A 516 -37.14 -44.47 -26.61
C ILE A 516 -37.55 -44.33 -28.07
C1 A1APZ B . -17.31 -12.92 -5.36
C10 A1APZ B . -18.65 -9.76 -11.22
C11 A1APZ B . -18.60 -10.87 -6.60
C12 A1APZ B . -18.39 -11.44 -13.33
C13 A1APZ B . -19.75 -10.03 -9.31
C14 A1APZ B . -18.75 -8.59 -6.27
C15 A1APZ B . -16.42 -8.31 -5.07
C16 A1APZ B . -17.98 -8.68 -3.79
C17 A1APZ B . -17.73 -9.10 -5.24
C18 A1APZ B . -16.96 -7.56 -1.38
C19 A1APZ B . -20.25 -9.66 -7.97
C2 A1APZ B . -18.16 -13.17 -6.43
C20 A1APZ B . -17.19 -7.95 -9.02
C21 A1APZ B . -16.29 -6.98 -9.75
C22 A1APZ B . -18.58 -7.86 -9.59
C23 A1APZ B . -15.25 -6.39 -8.84
C3 A1APZ B . -17.11 -11.64 -4.92
C4 A1APZ B . -17.91 -9.33 -12.29
C5 A1APZ B . -18.82 -12.15 -7.06
C6 A1APZ B . -17.80 -10.20 -13.35
C7 A1APZ B . -19.13 -11.84 -12.25
C8 A1APZ B . -17.76 -10.59 -5.54
C9 A1APZ B . -19.27 -10.99 -11.18
F31 A1APZ B . -15.16 -7.02 -7.63
F32 A1APZ B . -15.53 -5.07 -8.62
F33 A1APZ B . -14.04 -6.50 -9.44
N24 A1APZ B . -19.95 -11.14 -9.99
N25 A1APZ B . -18.99 -9.17 -10.03
N26 A1APZ B . -19.13 -9.66 -7.04
N27 A1APZ B . -17.11 -7.50 -4.01
O28 A1APZ B . -19.15 -7.44 -6.39
O29 A1APZ B . -17.07 -5.30 -2.68
O30 A1APZ B . -14.96 -6.68 -2.81
S34 A1APZ B . -16.40 -6.59 -2.75
CL35 A1APZ B . -18.18 -12.50 -14.69
#